data_8YWQ
#
_entry.id   8YWQ
#
_cell.length_a   126.621
_cell.length_b   151.875
_cell.length_c   76.053
_cell.angle_alpha   90.000
_cell.angle_beta   90.000
_cell.angle_gamma   90.000
#
_symmetry.space_group_name_H-M   'C 2 2 2'
#
loop_
_entity.id
_entity.type
_entity.pdbx_description
1 polymer 'Heavy chain of the Fab fragment of anti-IL-6 antibody I9H'
2 polymer 'Light chain of the Fab fragment of anti-IL-6 antibody I9H'
3 polymer Interleukin-6
4 non-polymer 'MAGNESIUM ION'
5 water water
#
loop_
_entity_poly.entity_id
_entity_poly.type
_entity_poly.pdbx_seq_one_letter_code
_entity_poly.pdbx_strand_id
1 'polypeptide(L)'
;QITLKESGPALVKPTQTLTLTCTFSGFSLSTSGMGVGWIRQPPGKALEWLAHIWWDDDKYYNPSLKSRLTISKDTSKNQV
VLTMTNMDPVDTATYYCARRANYGTSYDYGMDYWGQGTLVTVSSASTKGPSVFPLAPSSKSTSGGTAALGCLVKDYFPEP
VTVSWNSGALTSGVHTFPAVLQSSGLYSLSSVVTVPSSSLGTQTYICNVNHKPSNTKVDKKVEPKSCDKTH
;
H
2 'polypeptide(L)'
;DVVMTQSPSSLSASVGDRVTITCKASQSVSDVLTWYQQKPGKAPKLLIYYASNRYTGVPSRFSGSGSGTDFTLTISSLQP
EDFATYYCQQGYRSPYTFGGGTKLEIKRTVAAPSVFIFPPSDEQLKSGTASVVCLLNNFYPREAKVQWKVDNALQSGNSQ
ESVTEQDSKDSTYSLSSTLTLSKADYEKHKVYACEVTHQGLSSPVTKSFNRGEC
;
L
3 'polypeptide(L)'
;APVPPGEDSKDVAAPHRQPLTSSERIDKQIRYILDGISALRKETCNKSNMCESSKEALAENNLNLPKMAEKDGCFQSGFN
EETCLVKIITGLLEFEVYLEYLQNRFESSEEQARAVQMSTKVLIQFLQKKAKNLDAITTPDPTTNASLLTKLQAQNQWLQ
DMTTHLILRSFKEFLQSSLRALRQM
;
A
#
loop_
_chem_comp.id
_chem_comp.type
_chem_comp.name
_chem_comp.formula
MG non-polymer 'MAGNESIUM ION' 'Mg 2'
#
# COMPACT_ATOMS: atom_id res chain seq x y z
N GLN A 1 5.36 -15.36 -0.37
CA GLN A 1 5.13 -14.08 -1.05
C GLN A 1 3.65 -13.89 -1.35
N ILE A 2 3.08 -12.80 -0.84
CA ILE A 2 1.70 -12.43 -1.09
C ILE A 2 1.66 -11.35 -2.16
N THR A 3 0.87 -11.58 -3.21
CA THR A 3 0.77 -10.65 -4.32
C THR A 3 -0.69 -10.50 -4.72
N LEU A 4 -1.17 -9.27 -4.76
CA LEU A 4 -2.46 -8.93 -5.34
C LEU A 4 -2.22 -7.95 -6.49
N LYS A 5 -2.81 -8.23 -7.63
CA LYS A 5 -2.63 -7.38 -8.81
C LYS A 5 -3.96 -7.16 -9.49
N GLU A 6 -4.26 -5.89 -9.79
CA GLU A 6 -5.48 -5.53 -10.49
C GLU A 6 -5.28 -5.62 -11.99
N SER A 7 -6.37 -5.94 -12.70
CA SER A 7 -6.35 -6.04 -14.15
C SER A 7 -7.67 -5.50 -14.69
N GLY A 8 -7.57 -4.65 -15.71
CA GLY A 8 -8.74 -4.06 -16.31
C GLY A 8 -8.40 -3.02 -17.35
N PRO A 9 -9.42 -2.40 -17.94
CA PRO A 9 -9.18 -1.39 -18.97
C PRO A 9 -8.74 -0.06 -18.36
N ALA A 10 -7.85 0.62 -19.07
CA ALA A 10 -7.45 1.97 -18.68
C ALA A 10 -8.41 3.03 -19.23
N LEU A 11 -9.34 2.64 -20.09
CA LEU A 11 -10.27 3.60 -20.70
C LEU A 11 -11.61 2.91 -20.93
N VAL A 12 -12.68 3.55 -20.47
CA VAL A 12 -14.05 3.05 -20.64
C VAL A 12 -14.91 4.17 -21.17
N LYS A 13 -15.74 3.86 -22.16
CA LYS A 13 -16.67 4.85 -22.68
C LYS A 13 -17.79 5.10 -21.67
N PRO A 14 -18.42 6.27 -21.70
CA PRO A 14 -19.54 6.53 -20.80
C PRO A 14 -20.70 5.58 -21.07
N THR A 15 -21.40 5.23 -20.00
CA THR A 15 -22.50 4.26 -20.03
C THR A 15 -22.04 2.94 -20.68
N GLN A 16 -20.88 2.46 -20.24
CA GLN A 16 -20.31 1.22 -20.74
C GLN A 16 -19.70 0.44 -19.57
N THR A 17 -19.72 -0.88 -19.70
CA THR A 17 -19.36 -1.75 -18.59
C THR A 17 -17.87 -1.64 -18.26
N LEU A 18 -17.56 -1.53 -16.97
CA LEU A 18 -16.20 -1.61 -16.45
C LEU A 18 -16.06 -2.91 -15.67
N THR A 19 -15.13 -3.75 -16.09
CA THR A 19 -14.89 -5.06 -15.48
C THR A 19 -13.46 -5.09 -14.95
N LEU A 20 -13.33 -5.10 -13.63
CA LEU A 20 -12.03 -5.18 -12.96
C LEU A 20 -11.84 -6.58 -12.38
N THR A 21 -10.62 -7.09 -12.45
CA THR A 21 -10.29 -8.42 -11.95
C THR A 21 -9.08 -8.31 -11.03
N CYS A 22 -9.20 -8.81 -9.80
CA CYS A 22 -8.08 -8.87 -8.85
C CYS A 22 -7.66 -10.33 -8.73
N THR A 23 -6.43 -10.61 -9.15
CA THR A 23 -5.82 -11.93 -9.05
C THR A 23 -4.78 -11.89 -7.94
N PHE A 24 -4.85 -12.84 -7.03
CA PHE A 24 -3.97 -12.86 -5.87
C PHE A 24 -3.20 -14.18 -5.80
N SER A 25 -2.11 -14.15 -5.03
CA SER A 25 -1.26 -15.31 -4.82
C SER A 25 -0.64 -15.20 -3.43
N GLY A 26 -0.47 -16.35 -2.79
CA GLY A 26 0.08 -16.42 -1.45
C GLY A 26 -0.93 -16.70 -0.36
N PHE A 27 -2.22 -16.72 -0.68
CA PHE A 27 -3.25 -17.04 0.29
C PHE A 27 -4.47 -17.57 -0.45
N SER A 28 -5.32 -18.27 0.29
CA SER A 28 -6.54 -18.84 -0.26
C SER A 28 -7.74 -18.07 0.27
N LEU A 29 -8.61 -17.63 -0.64
CA LEU A 29 -9.83 -16.92 -0.24
C LEU A 29 -10.82 -17.84 0.47
N SER A 30 -10.61 -19.15 0.43
CA SER A 30 -11.44 -20.10 1.16
C SER A 30 -11.05 -20.22 2.63
N THR A 31 -9.98 -19.57 3.05
CA THR A 31 -9.55 -19.65 4.44
C THR A 31 -10.51 -18.88 5.34
N SER A 32 -10.80 -19.45 6.50
CA SER A 32 -11.71 -18.80 7.45
C SER A 32 -11.15 -17.46 7.89
N GLY A 33 -12.00 -16.42 7.84
CA GLY A 33 -11.60 -15.09 8.20
C GLY A 33 -10.91 -14.30 7.12
N MET A 34 -10.76 -14.86 5.92
CA MET A 34 -10.10 -14.18 4.82
C MET A 34 -11.11 -13.44 3.96
N GLY A 35 -10.67 -12.31 3.40
CA GLY A 35 -11.54 -11.51 2.56
C GLY A 35 -10.74 -10.59 1.66
N VAL A 36 -11.38 -10.18 0.57
CA VAL A 36 -10.78 -9.28 -0.40
C VAL A 36 -11.76 -8.14 -0.66
N GLY A 37 -11.26 -6.90 -0.61
CA GLY A 37 -12.07 -5.73 -0.81
C GLY A 37 -11.57 -4.88 -1.96
N TRP A 38 -12.40 -3.92 -2.37
CA TRP A 38 -12.09 -2.99 -3.44
C TRP A 38 -12.17 -1.57 -2.92
N ILE A 39 -11.13 -0.78 -3.19
CA ILE A 39 -11.05 0.60 -2.74
C ILE A 39 -10.48 1.43 -3.89
N ARG A 40 -11.10 2.58 -4.15
CA ARG A 40 -10.70 3.45 -5.24
C ARG A 40 -10.27 4.81 -4.71
N GLN A 41 -9.52 5.54 -5.54
CA GLN A 41 -8.95 6.83 -5.17
C GLN A 41 -8.92 7.71 -6.40
N PRO A 42 -9.84 8.67 -6.52
CA PRO A 42 -9.76 9.61 -7.64
C PRO A 42 -8.48 10.40 -7.57
N PRO A 43 -7.99 10.88 -8.73
CA PRO A 43 -6.67 11.56 -8.76
C PRO A 43 -6.55 12.70 -7.76
N GLY A 44 -5.68 12.52 -6.77
CA GLY A 44 -5.44 13.51 -5.75
C GLY A 44 -6.51 13.61 -4.69
N LYS A 45 -7.40 12.62 -4.59
CA LYS A 45 -8.52 12.65 -3.67
C LYS A 45 -8.31 11.66 -2.53
N ALA A 46 -9.25 11.66 -1.59
CA ALA A 46 -9.21 10.72 -0.48
C ALA A 46 -9.75 9.36 -0.92
N LEU A 47 -9.47 8.35 -0.10
CA LEU A 47 -9.86 6.99 -0.42
C LEU A 47 -11.36 6.79 -0.18
N GLU A 48 -11.94 5.86 -0.96
CA GLU A 48 -13.34 5.50 -0.82
C GLU A 48 -13.46 3.99 -0.93
N TRP A 49 -13.92 3.36 0.16
CA TRP A 49 -14.12 1.91 0.17
C TRP A 49 -15.34 1.55 -0.69
N LEU A 50 -15.17 0.57 -1.58
CA LEU A 50 -16.22 0.23 -2.54
C LEU A 50 -16.98 -1.02 -2.14
N ALA A 51 -16.32 -2.18 -2.20
CA ALA A 51 -17.00 -3.45 -1.93
C ALA A 51 -16.05 -4.38 -1.19
N HIS A 52 -16.58 -5.53 -0.78
CA HIS A 52 -15.81 -6.53 -0.06
C HIS A 52 -16.55 -7.87 -0.16
N ILE A 53 -15.78 -8.94 -0.29
CA ILE A 53 -16.32 -10.30 -0.32
C ILE A 53 -15.56 -11.14 0.68
N TRP A 54 -16.28 -11.94 1.45
CA TRP A 54 -15.69 -12.78 2.48
C TRP A 54 -15.53 -14.21 1.97
N TRP A 55 -14.91 -15.04 2.81
CA TRP A 55 -14.66 -16.43 2.43
C TRP A 55 -15.95 -17.20 2.19
N ASP A 56 -17.02 -16.85 2.91
CA ASP A 56 -18.29 -17.54 2.82
C ASP A 56 -19.26 -16.88 1.84
N ASP A 57 -18.74 -16.09 0.90
CA ASP A 57 -19.50 -15.43 -0.15
C ASP A 57 -20.48 -14.40 0.38
N ASP A 58 -20.34 -13.97 1.63
CA ASP A 58 -21.19 -12.92 2.20
C ASP A 58 -20.65 -11.59 1.72
N LYS A 59 -21.20 -11.11 0.61
CA LYS A 59 -20.69 -9.92 -0.05
C LYS A 59 -21.24 -8.66 0.60
N TYR A 60 -20.39 -7.64 0.70
CA TYR A 60 -20.76 -6.35 1.25
C TYR A 60 -20.42 -5.26 0.23
N TYR A 61 -21.16 -4.16 0.29
CA TYR A 61 -20.97 -3.07 -0.65
C TYR A 61 -21.07 -1.73 0.07
N ASN A 62 -20.52 -0.70 -0.57
CA ASN A 62 -20.81 0.67 -0.16
C ASN A 62 -22.25 0.98 -0.54
N PRO A 63 -23.08 1.44 0.40
CA PRO A 63 -24.51 1.61 0.09
C PRO A 63 -24.80 2.59 -1.04
N SER A 64 -23.90 3.52 -1.33
CA SER A 64 -24.16 4.54 -2.34
C SER A 64 -24.04 4.01 -3.77
N LEU A 65 -23.29 2.94 -3.99
CA LEU A 65 -23.00 2.45 -5.34
C LEU A 65 -23.49 1.03 -5.59
N LYS A 66 -24.26 0.44 -4.66
CA LYS A 66 -24.67 -0.96 -4.79
C LYS A 66 -25.50 -1.22 -6.03
N SER A 67 -26.13 -0.19 -6.61
CA SER A 67 -27.00 -0.39 -7.76
C SER A 67 -26.22 -0.91 -8.96
N ARG A 68 -25.01 -0.39 -9.17
CA ARG A 68 -24.19 -0.76 -10.32
C ARG A 68 -23.04 -1.68 -9.95
N LEU A 69 -23.02 -2.20 -8.72
CA LEU A 69 -21.90 -2.99 -8.23
C LEU A 69 -22.30 -4.45 -8.07
N THR A 70 -21.51 -5.34 -8.65
CA THR A 70 -21.66 -6.78 -8.48
C THR A 70 -20.29 -7.39 -8.33
N ILE A 71 -20.01 -7.96 -7.16
CA ILE A 71 -18.74 -8.60 -6.88
C ILE A 71 -18.94 -10.10 -6.82
N SER A 72 -17.92 -10.85 -7.25
CA SER A 72 -17.98 -12.30 -7.26
C SER A 72 -16.54 -12.83 -7.22
N LYS A 73 -16.41 -14.09 -6.84
CA LYS A 73 -15.09 -14.70 -6.65
C LYS A 73 -15.03 -16.07 -7.30
N ASP A 74 -13.81 -16.51 -7.54
CA ASP A 74 -13.51 -17.85 -8.05
C ASP A 74 -12.28 -18.33 -7.30
N THR A 75 -12.49 -19.12 -6.24
CA THR A 75 -11.40 -19.57 -5.40
C THR A 75 -10.50 -20.60 -6.09
N SER A 76 -10.92 -21.15 -7.23
CA SER A 76 -10.10 -22.11 -7.95
C SER A 76 -9.07 -21.45 -8.85
N LYS A 77 -9.27 -20.17 -9.17
CA LYS A 77 -8.30 -19.40 -9.94
C LYS A 77 -7.75 -18.21 -9.18
N ASN A 78 -8.14 -18.03 -7.92
CA ASN A 78 -7.71 -16.90 -7.09
C ASN A 78 -8.01 -15.57 -7.78
N GLN A 79 -9.30 -15.35 -8.03
CA GLN A 79 -9.76 -14.15 -8.75
C GLN A 79 -10.97 -13.57 -8.05
N VAL A 80 -10.94 -12.26 -7.84
CA VAL A 80 -12.09 -11.48 -7.36
C VAL A 80 -12.40 -10.43 -8.41
N VAL A 81 -13.65 -10.37 -8.84
CA VAL A 81 -14.08 -9.50 -9.93
C VAL A 81 -15.11 -8.51 -9.41
N LEU A 82 -14.85 -7.22 -9.62
CA LEU A 82 -15.80 -6.16 -9.34
C LEU A 82 -16.24 -5.53 -10.65
N THR A 83 -17.55 -5.49 -10.88
CA THR A 83 -18.11 -5.03 -12.13
C THR A 83 -18.90 -3.75 -11.91
N MET A 84 -18.50 -2.69 -12.62
CA MET A 84 -19.23 -1.42 -12.62
C MET A 84 -19.78 -1.17 -14.01
N THR A 85 -21.10 -0.94 -14.09
CA THR A 85 -21.77 -0.68 -15.35
C THR A 85 -22.25 0.76 -15.41
N ASN A 86 -22.48 1.24 -16.63
CA ASN A 86 -22.94 2.61 -16.90
C ASN A 86 -21.98 3.63 -16.30
N MET A 87 -20.71 3.54 -16.72
CA MET A 87 -19.67 4.35 -16.12
C MET A 87 -19.83 5.82 -16.46
N ASP A 88 -19.53 6.68 -15.49
CA ASP A 88 -19.59 8.12 -15.60
C ASP A 88 -18.19 8.71 -15.42
N PRO A 89 -17.93 9.90 -15.98
CA PRO A 89 -16.63 10.54 -15.75
C PRO A 89 -16.34 10.89 -14.30
N VAL A 90 -17.35 10.91 -13.43
CA VAL A 90 -17.10 11.22 -12.02
C VAL A 90 -16.37 10.07 -11.34
N ASP A 91 -16.50 8.86 -11.86
CA ASP A 91 -15.92 7.66 -11.26
C ASP A 91 -14.57 7.28 -11.88
N THR A 92 -13.79 8.25 -12.33
CA THR A 92 -12.43 7.98 -12.78
C THR A 92 -11.50 8.02 -11.58
N ALA A 93 -10.73 6.95 -11.40
CA ALA A 93 -9.95 6.79 -10.17
C ALA A 93 -8.94 5.68 -10.36
N THR A 94 -8.00 5.60 -9.41
CA THR A 94 -7.12 4.45 -9.29
C THR A 94 -7.82 3.41 -8.44
N TYR A 95 -8.01 2.22 -8.98
CA TYR A 95 -8.77 1.17 -8.31
C TYR A 95 -7.81 0.16 -7.67
N TYR A 96 -7.87 0.03 -6.35
CA TYR A 96 -7.07 -0.94 -5.61
C TYR A 96 -7.95 -2.11 -5.19
N CYS A 97 -7.32 -3.28 -5.01
CA CYS A 97 -7.91 -4.41 -4.27
C CYS A 97 -7.00 -4.75 -3.12
N ALA A 98 -7.60 -5.05 -1.96
CA ALA A 98 -6.83 -5.25 -0.74
C ALA A 98 -7.27 -6.54 -0.06
N ARG A 99 -6.37 -7.07 0.77
CA ARG A 99 -6.62 -8.31 1.49
C ARG A 99 -6.97 -8.01 2.94
N ARG A 100 -8.09 -8.56 3.39
CA ARG A 100 -8.49 -8.55 4.79
C ARG A 100 -8.39 -9.97 5.32
N ALA A 101 -7.61 -10.16 6.37
CA ALA A 101 -7.31 -11.50 6.89
C ALA A 101 -7.51 -11.55 8.40
N ASN A 102 -7.81 -12.74 8.89
CA ASN A 102 -7.98 -13.02 10.32
C ASN A 102 -8.99 -12.05 10.93
N TYR A 103 -10.24 -12.17 10.46
CA TYR A 103 -11.23 -11.12 10.67
C TYR A 103 -11.47 -10.83 12.15
N GLY A 104 -11.88 -11.85 12.90
CA GLY A 104 -12.27 -11.60 14.27
C GLY A 104 -11.18 -11.64 15.31
N THR A 105 -9.95 -12.04 14.93
CA THR A 105 -8.89 -12.24 15.90
C THR A 105 -8.15 -10.93 16.18
N SER A 106 -7.20 -10.99 17.11
CA SER A 106 -6.31 -9.86 17.39
C SER A 106 -5.29 -9.63 16.29
N TYR A 107 -5.33 -10.41 15.21
CA TYR A 107 -4.47 -10.22 14.06
C TYR A 107 -5.24 -9.71 12.85
N ASP A 108 -6.43 -9.13 13.07
CA ASP A 108 -7.18 -8.43 12.03
C ASP A 108 -6.47 -7.12 11.74
N TYR A 109 -5.40 -7.20 10.95
CA TYR A 109 -4.61 -6.02 10.61
C TYR A 109 -5.41 -5.02 9.79
N GLY A 110 -6.47 -5.46 9.12
CA GLY A 110 -7.17 -4.63 8.17
C GLY A 110 -6.72 -4.94 6.75
N MET A 111 -6.71 -3.93 5.89
CA MET A 111 -6.23 -4.10 4.51
C MET A 111 -4.70 -4.07 4.55
N ASP A 112 -4.12 -5.21 4.92
CA ASP A 112 -2.68 -5.29 5.14
C ASP A 112 -1.89 -5.52 3.87
N TYR A 113 -2.52 -5.99 2.80
CA TYR A 113 -1.85 -6.22 1.52
C TYR A 113 -2.67 -5.61 0.40
N TRP A 114 -2.06 -4.73 -0.38
CA TRP A 114 -2.72 -4.03 -1.47
C TRP A 114 -2.01 -4.33 -2.79
N GLY A 115 -2.72 -4.04 -3.88
CA GLY A 115 -2.13 -4.11 -5.20
C GLY A 115 -1.59 -2.75 -5.63
N GLN A 116 -0.95 -2.76 -6.80
CA GLN A 116 -0.39 -1.51 -7.33
C GLN A 116 -1.50 -0.50 -7.60
N GLY A 117 -2.61 -0.95 -8.16
CA GLY A 117 -3.71 -0.07 -8.50
C GLY A 117 -3.77 0.16 -9.99
N THR A 118 -4.98 0.23 -10.53
CA THR A 118 -5.21 0.43 -11.96
C THR A 118 -5.90 1.77 -12.15
N LEU A 119 -5.29 2.62 -12.97
CA LEU A 119 -5.89 3.92 -13.27
C LEU A 119 -6.94 3.75 -14.35
N VAL A 120 -8.18 4.09 -14.04
CA VAL A 120 -9.32 3.92 -14.93
C VAL A 120 -9.81 5.31 -15.33
N THR A 121 -9.64 5.65 -16.61
CA THR A 121 -10.16 6.89 -17.17
C THR A 121 -11.45 6.59 -17.93
N VAL A 122 -12.46 7.42 -17.72
CA VAL A 122 -13.75 7.26 -18.38
C VAL A 122 -13.96 8.44 -19.29
N SER A 123 -13.91 8.21 -20.60
CA SER A 123 -14.08 9.25 -21.60
C SER A 123 -14.29 8.61 -22.96
N SER A 124 -15.03 9.31 -23.82
CA SER A 124 -15.24 8.84 -25.19
C SER A 124 -14.04 9.12 -26.09
N ALA A 125 -13.07 9.91 -25.62
CA ALA A 125 -11.87 10.15 -26.40
C ALA A 125 -11.09 8.85 -26.59
N SER A 126 -10.53 8.69 -27.79
CA SER A 126 -9.84 7.45 -28.13
C SER A 126 -8.45 7.40 -27.49
N THR A 127 -7.89 6.21 -27.46
CA THR A 127 -6.53 6.02 -26.97
C THR A 127 -5.52 6.51 -27.99
N LYS A 128 -4.52 7.25 -27.52
CA LYS A 128 -3.48 7.80 -28.39
C LYS A 128 -2.12 7.58 -27.76
N GLY A 129 -1.16 7.13 -28.56
CA GLY A 129 0.20 6.97 -28.11
C GLY A 129 0.93 8.28 -28.06
N PRO A 130 1.99 8.35 -27.26
CA PRO A 130 2.71 9.62 -27.07
C PRO A 130 3.79 9.86 -28.12
N SER A 131 4.23 11.12 -28.17
CA SER A 131 5.37 11.53 -28.97
C SER A 131 6.47 12.01 -28.02
N VAL A 132 7.70 11.57 -28.26
CA VAL A 132 8.82 11.80 -27.36
C VAL A 132 9.86 12.65 -28.07
N PHE A 133 10.36 13.66 -27.38
CA PHE A 133 11.38 14.55 -27.89
C PHE A 133 12.47 14.77 -26.84
N PRO A 134 13.73 14.87 -27.25
CA PRO A 134 14.81 15.06 -26.27
C PRO A 134 14.97 16.51 -25.85
N LEU A 135 15.53 16.68 -24.67
CA LEU A 135 15.84 17.99 -24.10
C LEU A 135 17.29 18.02 -23.68
N ALA A 136 18.07 18.93 -24.26
CA ALA A 136 19.50 18.99 -24.04
C ALA A 136 19.94 20.40 -23.71
N PRO A 137 21.01 20.56 -22.92
CA PRO A 137 21.51 21.89 -22.55
C PRO A 137 22.29 22.56 -23.68
N GLY A 145 28.93 22.98 -11.88
CA GLY A 145 29.26 22.25 -13.09
C GLY A 145 28.18 21.28 -13.52
N THR A 146 26.95 21.79 -13.61
CA THR A 146 25.80 20.97 -13.95
C THR A 146 24.90 21.70 -14.92
N ALA A 147 24.54 21.03 -16.01
CA ALA A 147 23.51 21.49 -16.94
C ALA A 147 22.60 20.30 -17.21
N ALA A 148 21.31 20.47 -16.94
CA ALA A 148 20.39 19.34 -16.92
C ALA A 148 20.10 18.83 -18.32
N LEU A 149 19.44 17.66 -18.38
CA LEU A 149 18.91 17.12 -19.61
C LEU A 149 17.61 16.40 -19.30
N GLY A 150 16.92 15.96 -20.34
CA GLY A 150 15.69 15.23 -20.16
C GLY A 150 15.03 15.00 -21.50
N CYS A 151 13.76 14.60 -21.44
CA CYS A 151 13.00 14.41 -22.65
C CYS A 151 11.53 14.60 -22.37
N LEU A 152 10.79 15.00 -23.40
CA LEU A 152 9.43 15.50 -23.28
C LEU A 152 8.47 14.49 -23.90
N VAL A 153 7.50 14.04 -23.11
CA VAL A 153 6.48 13.09 -23.55
C VAL A 153 5.16 13.87 -23.65
N LYS A 154 4.69 14.05 -24.87
CA LYS A 154 3.59 14.98 -25.14
C LYS A 154 2.51 14.32 -25.99
N ASP A 155 1.27 14.77 -25.78
CA ASP A 155 0.11 14.40 -26.58
C ASP A 155 -0.16 12.89 -26.52
N TYR A 156 -0.76 12.43 -25.44
CA TYR A 156 -1.16 11.04 -25.30
C TYR A 156 -2.43 10.98 -24.48
N PHE A 157 -3.10 9.82 -24.55
CA PHE A 157 -4.34 9.59 -23.82
C PHE A 157 -4.63 8.09 -23.80
N PRO A 158 -5.02 7.53 -22.65
CA PRO A 158 -5.14 8.26 -21.38
C PRO A 158 -3.91 8.11 -20.49
N GLU A 159 -3.96 8.77 -19.33
CA GLU A 159 -2.98 8.53 -18.28
C GLU A 159 -3.04 7.06 -17.87
N PRO A 160 -1.90 6.45 -17.48
CA PRO A 160 -0.54 6.97 -17.31
C PRO A 160 0.48 6.52 -18.36
N VAL A 161 1.73 6.95 -18.15
CA VAL A 161 2.88 6.47 -18.88
C VAL A 161 3.95 6.09 -17.87
N THR A 162 5.00 5.43 -18.37
CA THR A 162 6.16 5.09 -17.57
C THR A 162 7.42 5.55 -18.30
N VAL A 163 8.26 6.32 -17.60
CA VAL A 163 9.48 6.85 -18.17
C VAL A 163 10.65 6.32 -17.36
N SER A 164 11.43 5.42 -17.96
CA SER A 164 12.65 4.90 -17.35
C SER A 164 13.85 5.47 -18.10
N TRP A 165 14.96 5.60 -17.38
CA TRP A 165 16.19 6.17 -17.93
C TRP A 165 17.26 5.10 -17.98
N ASN A 166 17.75 4.82 -19.19
CA ASN A 166 18.76 3.79 -19.44
C ASN A 166 18.31 2.43 -18.91
N SER A 167 17.04 2.11 -19.13
CA SER A 167 16.45 0.83 -18.74
C SER A 167 16.58 0.58 -17.24
N GLY A 168 16.37 1.64 -16.45
CA GLY A 168 16.44 1.54 -15.01
C GLY A 168 17.83 1.66 -14.42
N ALA A 169 18.88 1.67 -15.24
CA ALA A 169 20.23 1.82 -14.71
C ALA A 169 20.47 3.21 -14.12
N LEU A 170 19.71 4.21 -14.56
CA LEU A 170 19.87 5.59 -14.10
C LEU A 170 18.61 5.97 -13.32
N THR A 171 18.74 6.02 -11.99
CA THR A 171 17.70 6.53 -11.12
C THR A 171 18.15 7.70 -10.25
N SER A 172 19.45 7.97 -10.20
CA SER A 172 19.97 9.04 -9.36
C SER A 172 19.68 10.40 -9.97
N GLY A 173 19.17 11.32 -9.15
CA GLY A 173 18.92 12.68 -9.60
C GLY A 173 17.83 12.81 -10.66
N VAL A 174 16.87 11.90 -10.67
CA VAL A 174 15.80 11.90 -11.66
C VAL A 174 14.57 12.55 -11.05
N HIS A 175 14.04 13.56 -11.75
CA HIS A 175 12.80 14.23 -11.37
C HIS A 175 11.82 14.07 -12.52
N THR A 176 10.85 13.16 -12.37
CA THR A 176 9.82 12.94 -13.36
C THR A 176 8.57 13.71 -12.95
N PHE A 177 8.07 14.55 -13.85
CA PHE A 177 6.96 15.42 -13.52
C PHE A 177 5.62 14.77 -13.86
N PRO A 178 4.59 15.03 -13.04
CA PRO A 178 3.27 14.49 -13.34
C PRO A 178 2.67 15.13 -14.58
N ALA A 179 1.76 14.39 -15.21
CA ALA A 179 1.15 14.86 -16.44
C ALA A 179 0.19 16.01 -16.17
N VAL A 180 0.15 16.96 -17.10
CA VAL A 180 -0.78 18.08 -17.05
C VAL A 180 -1.74 17.94 -18.23
N LEU A 181 -3.04 17.94 -17.94
CA LEU A 181 -4.04 17.81 -18.98
C LEU A 181 -4.15 19.12 -19.76
N GLN A 182 -3.67 19.10 -21.00
CA GLN A 182 -3.79 20.26 -21.86
C GLN A 182 -5.25 20.56 -22.18
N SER A 183 -5.51 21.80 -22.58
CA SER A 183 -6.85 22.15 -23.03
C SER A 183 -7.24 21.42 -24.31
N SER A 184 -6.26 20.85 -25.02
CA SER A 184 -6.57 20.05 -26.20
C SER A 184 -7.19 18.70 -25.84
N GLY A 185 -7.08 18.28 -24.57
CA GLY A 185 -7.62 17.01 -24.12
C GLY A 185 -6.59 15.91 -23.95
N LEU A 186 -5.35 16.14 -24.37
CA LEU A 186 -4.28 15.16 -24.26
C LEU A 186 -3.32 15.56 -23.16
N TYR A 187 -2.66 14.55 -22.59
CA TYR A 187 -1.75 14.77 -21.47
C TYR A 187 -0.34 15.07 -21.98
N SER A 188 0.46 15.67 -21.10
CA SER A 188 1.84 16.02 -21.42
C SER A 188 2.65 16.06 -20.13
N LEU A 189 3.84 15.46 -20.17
CA LEU A 189 4.74 15.48 -19.03
C LEU A 189 6.17 15.49 -19.54
N SER A 190 7.10 15.70 -18.61
CA SER A 190 8.52 15.70 -18.91
C SER A 190 9.27 14.98 -17.81
N SER A 191 10.41 14.39 -18.16
CA SER A 191 11.26 13.68 -17.21
C SER A 191 12.70 14.13 -17.44
N VAL A 192 13.31 14.66 -16.38
CA VAL A 192 14.65 15.22 -16.47
C VAL A 192 15.57 14.49 -15.51
N VAL A 193 16.87 14.55 -15.80
CA VAL A 193 17.90 13.98 -14.95
C VAL A 193 18.96 15.05 -14.69
N THR A 194 19.26 15.27 -13.41
CA THR A 194 20.34 16.18 -13.03
C THR A 194 21.66 15.46 -13.20
N VAL A 195 22.38 15.79 -14.28
CA VAL A 195 23.62 15.09 -14.63
C VAL A 195 24.79 16.04 -14.50
N PRO A 196 26.00 15.55 -14.22
CA PRO A 196 27.17 16.42 -14.31
C PRO A 196 27.54 16.67 -15.77
N SER A 197 28.02 17.88 -16.05
CA SER A 197 28.46 18.21 -17.39
C SER A 197 29.70 17.44 -17.80
N SER A 198 30.30 16.68 -16.89
CA SER A 198 31.52 15.92 -17.19
C SER A 198 31.19 14.63 -17.94
N SER A 199 30.07 13.99 -17.62
CA SER A 199 29.74 12.68 -18.16
C SER A 199 28.87 12.75 -19.40
N LEU A 200 28.65 13.94 -19.96
CA LEU A 200 27.79 14.07 -21.13
C LEU A 200 28.37 13.34 -22.33
N GLY A 201 29.69 13.43 -22.51
CA GLY A 201 30.37 12.75 -23.59
C GLY A 201 30.84 11.35 -23.29
N THR A 202 30.58 10.85 -22.07
CA THR A 202 31.01 9.52 -21.66
C THR A 202 29.83 8.56 -21.56
N GLN A 203 28.83 8.89 -20.76
CA GLN A 203 27.66 8.03 -20.59
C GLN A 203 26.62 8.33 -21.67
N THR A 204 25.76 7.34 -21.91
CA THR A 204 24.65 7.47 -22.84
C THR A 204 23.37 7.68 -22.05
N TYR A 205 22.62 8.74 -22.40
CA TYR A 205 21.41 9.12 -21.70
C TYR A 205 20.24 8.99 -22.67
N ILE A 206 19.44 7.95 -22.44
CA ILE A 206 18.28 7.62 -23.28
C ILE A 206 17.11 7.36 -22.36
N CYS A 207 15.96 7.92 -22.71
CA CYS A 207 14.75 7.72 -21.92
C CYS A 207 13.84 6.70 -22.58
N ASN A 208 13.29 5.81 -21.75
CA ASN A 208 12.43 4.71 -22.17
C ASN A 208 11.00 5.08 -21.81
N VAL A 209 10.21 5.47 -22.81
CA VAL A 209 8.82 5.87 -22.60
C VAL A 209 7.91 4.70 -22.94
N ASN A 210 7.04 4.33 -22.01
CA ASN A 210 6.15 3.19 -22.18
C ASN A 210 4.73 3.63 -21.83
N HIS A 211 3.82 3.51 -22.80
CA HIS A 211 2.41 3.86 -22.64
C HIS A 211 1.60 2.58 -22.85
N LYS A 212 1.34 1.87 -21.74
CA LYS A 212 0.63 0.60 -21.82
C LYS A 212 -0.79 0.70 -22.40
N PRO A 213 -1.58 1.75 -22.12
CA PRO A 213 -2.93 1.80 -22.72
C PRO A 213 -2.96 1.71 -24.24
N SER A 214 -1.84 1.97 -24.91
CA SER A 214 -1.77 1.85 -26.36
C SER A 214 -0.70 0.88 -26.83
N ASN A 215 -0.03 0.17 -25.92
CA ASN A 215 1.06 -0.74 -26.27
C ASN A 215 2.15 -0.01 -27.07
N THR A 216 2.39 1.25 -26.72
CA THR A 216 3.37 2.08 -27.40
C THR A 216 4.64 2.16 -26.56
N LYS A 217 5.79 1.99 -27.21
CA LYS A 217 7.08 2.04 -26.55
C LYS A 217 8.04 2.83 -27.44
N VAL A 218 8.61 3.90 -26.91
CA VAL A 218 9.45 4.82 -27.68
C VAL A 218 10.76 5.04 -26.92
N ASP A 219 11.86 5.12 -27.66
CA ASP A 219 13.18 5.40 -27.11
C ASP A 219 13.80 6.54 -27.89
N LYS A 220 14.32 7.54 -27.18
CA LYS A 220 14.92 8.72 -27.80
C LYS A 220 16.25 9.03 -27.11
N LYS A 221 17.28 9.30 -27.91
CA LYS A 221 18.59 9.65 -27.41
C LYS A 221 18.72 11.16 -27.28
N VAL A 222 19.37 11.59 -26.20
CA VAL A 222 19.49 13.00 -25.86
C VAL A 222 20.89 13.48 -26.23
N GLU A 223 20.98 14.49 -27.09
CA GLU A 223 22.24 15.03 -27.56
C GLU A 223 22.14 16.55 -27.68
N PRO A 224 23.21 17.29 -27.38
CA PRO A 224 23.13 18.75 -27.40
C PRO A 224 23.48 19.36 -28.75
N LYS A 225 23.40 20.68 -28.84
CA LYS A 225 23.77 21.41 -30.05
C LYS A 225 23.93 22.90 -29.75
N ASP B 1 -22.81 4.17 6.55
CA ASP B 1 -23.38 4.12 7.89
C ASP B 1 -22.48 4.81 8.90
N VAL B 2 -21.17 4.68 8.72
CA VAL B 2 -20.16 5.25 9.61
C VAL B 2 -19.40 6.32 8.84
N VAL B 3 -19.11 7.43 9.51
CA VAL B 3 -18.39 8.56 8.92
C VAL B 3 -17.16 8.83 9.77
N MET B 4 -15.99 8.80 9.14
CA MET B 4 -14.73 9.14 9.78
C MET B 4 -14.28 10.52 9.30
N THR B 5 -13.84 11.35 10.24
CA THR B 5 -13.40 12.72 9.95
C THR B 5 -12.03 12.94 10.53
N GLN B 6 -11.10 13.43 9.71
CA GLN B 6 -9.73 13.69 10.13
C GLN B 6 -9.49 15.20 10.22
N SER B 7 -8.61 15.58 11.15
CA SER B 7 -8.22 16.95 11.34
C SER B 7 -6.80 16.95 11.86
N PRO B 8 -5.88 17.74 11.26
CA PRO B 8 -6.17 18.62 10.13
C PRO B 8 -6.13 17.88 8.79
N SER B 9 -6.60 18.53 7.73
CA SER B 9 -6.51 17.95 6.39
C SER B 9 -5.11 18.11 5.79
N SER B 10 -4.30 19.01 6.33
CA SER B 10 -2.94 19.20 5.88
C SER B 10 -2.09 19.64 7.06
N LEU B 11 -0.79 19.34 6.99
CA LEU B 11 0.11 19.64 8.09
C LEU B 11 1.53 19.78 7.55
N SER B 12 2.28 20.70 8.13
CA SER B 12 3.68 20.94 7.76
C SER B 12 4.51 21.09 9.02
N ALA B 13 5.58 20.30 9.12
CA ALA B 13 6.44 20.30 10.29
C ALA B 13 7.88 20.12 9.85
N SER B 14 8.80 20.37 10.78
CA SER B 14 10.23 20.28 10.51
C SER B 14 10.73 18.87 10.79
N VAL B 15 11.99 18.64 10.43
CA VAL B 15 12.65 17.36 10.71
C VAL B 15 13.04 17.33 12.19
N GLY B 16 12.69 16.24 12.87
CA GLY B 16 12.84 16.16 14.30
C GLY B 16 11.68 16.69 15.09
N ASP B 17 10.66 17.21 14.43
CA ASP B 17 9.47 17.75 15.09
C ASP B 17 8.49 16.63 15.42
N ARG B 18 7.43 16.99 16.14
CA ARG B 18 6.36 16.06 16.48
C ARG B 18 5.09 16.42 15.72
N VAL B 19 4.41 15.39 15.21
CA VAL B 19 3.20 15.56 14.42
C VAL B 19 2.04 14.88 15.14
N THR B 20 0.89 15.54 15.16
CA THR B 20 -0.31 15.01 15.78
C THR B 20 -1.45 15.06 14.76
N ILE B 21 -2.00 13.89 14.44
CA ILE B 21 -3.12 13.76 13.52
C ILE B 21 -4.24 13.04 14.24
N THR B 22 -5.44 13.62 14.23
CA THR B 22 -6.58 13.08 14.94
C THR B 22 -7.64 12.58 13.96
N CYS B 23 -8.45 11.63 14.43
CA CYS B 23 -9.53 11.06 13.63
C CYS B 23 -10.72 10.75 14.52
N LYS B 24 -11.90 11.25 14.15
CA LYS B 24 -13.12 11.07 14.91
C LYS B 24 -14.09 10.19 14.15
N ALA B 25 -14.95 9.50 14.89
CA ALA B 25 -15.93 8.59 14.33
C ALA B 25 -17.33 9.07 14.69
N SER B 26 -18.26 8.94 13.73
CA SER B 26 -19.64 9.31 13.99
C SER B 26 -20.31 8.37 14.99
N GLN B 27 -19.81 7.14 15.11
CA GLN B 27 -20.30 6.21 16.12
C GLN B 27 -19.14 5.31 16.53
N SER B 28 -19.28 4.71 17.71
CA SER B 28 -18.18 3.96 18.30
C SER B 28 -17.80 2.76 17.44
N VAL B 29 -16.52 2.62 17.17
CA VAL B 29 -15.96 1.48 16.46
C VAL B 29 -15.02 0.67 17.36
N SER B 30 -15.15 0.84 18.67
CA SER B 30 -14.29 0.19 19.68
C SER B 30 -12.85 0.59 19.38
N ASP B 31 -11.89 -0.33 19.52
CA ASP B 31 -10.50 -0.07 19.16
C ASP B 31 -10.17 -0.55 17.75
N VAL B 32 -11.16 -1.03 17.00
CA VAL B 32 -10.94 -1.54 15.65
C VAL B 32 -10.76 -0.36 14.70
N LEU B 33 -9.58 0.25 14.74
CA LEU B 33 -9.24 1.34 13.83
C LEU B 33 -7.85 1.11 13.27
N THR B 34 -7.66 1.53 12.02
CA THR B 34 -6.44 1.23 11.29
C THR B 34 -5.95 2.47 10.56
N TRP B 35 -4.68 2.82 10.78
CA TRP B 35 -4.04 3.95 10.11
C TRP B 35 -3.21 3.44 8.94
N TYR B 36 -3.21 4.18 7.84
CA TYR B 36 -2.42 3.87 6.67
C TYR B 36 -1.57 5.07 6.27
N GLN B 37 -0.41 4.79 5.69
CA GLN B 37 0.47 5.79 5.12
C GLN B 37 0.53 5.60 3.61
N GLN B 38 0.30 6.68 2.87
CA GLN B 38 0.26 6.62 1.42
C GLN B 38 1.24 7.60 0.81
N LYS B 39 2.19 7.09 0.04
CA LYS B 39 3.03 7.91 -0.81
C LYS B 39 2.27 8.27 -2.08
N PRO B 40 2.67 9.34 -2.77
CA PRO B 40 1.96 9.75 -4.00
C PRO B 40 1.94 8.63 -5.03
N GLY B 41 0.74 8.29 -5.49
CA GLY B 41 0.52 7.25 -6.48
C GLY B 41 0.60 5.81 -5.97
N LYS B 42 1.54 5.54 -5.08
CA LYS B 42 1.75 4.18 -4.58
C LYS B 42 0.60 3.76 -3.69
N ALA B 43 0.50 2.45 -3.46
CA ALA B 43 -0.53 1.90 -2.61
C ALA B 43 -0.22 2.20 -1.14
N PRO B 44 -1.24 2.30 -0.29
CA PRO B 44 -1.00 2.62 1.12
C PRO B 44 -0.19 1.56 1.82
N LYS B 45 0.50 1.98 2.88
CA LYS B 45 1.31 1.09 3.71
C LYS B 45 0.74 1.07 5.12
N LEU B 46 0.62 -0.12 5.69
CA LEU B 46 0.01 -0.28 7.00
C LEU B 46 0.93 0.25 8.10
N LEU B 47 0.36 1.06 9.00
CA LEU B 47 1.10 1.60 10.14
C LEU B 47 0.58 0.99 11.44
N ILE B 48 -0.61 1.38 11.87
CA ILE B 48 -1.16 0.97 13.16
C ILE B 48 -2.43 0.16 12.93
N TYR B 49 -2.58 -0.91 13.70
CA TYR B 49 -3.80 -1.71 13.70
C TYR B 49 -4.30 -1.84 15.14
N TYR B 50 -5.61 -1.94 15.29
CA TYR B 50 -6.27 -1.93 16.59
C TYR B 50 -5.86 -0.70 17.40
N ALA B 51 -5.94 0.46 16.75
CA ALA B 51 -5.77 1.76 17.37
C ALA B 51 -4.34 2.04 17.85
N SER B 52 -3.77 1.12 18.65
CA SER B 52 -2.48 1.39 19.28
C SER B 52 -1.42 0.32 19.05
N ASN B 53 -1.71 -0.71 18.27
CA ASN B 53 -0.75 -1.79 18.01
C ASN B 53 -0.06 -1.56 16.68
N ARG B 54 1.26 -1.71 16.67
CA ARG B 54 2.08 -1.32 15.53
C ARG B 54 2.30 -2.51 14.59
N TYR B 55 2.14 -2.27 13.29
CA TYR B 55 2.38 -3.29 12.28
C TYR B 55 3.87 -3.56 12.15
N THR B 56 4.19 -4.77 11.68
CA THR B 56 5.58 -5.21 11.60
C THR B 56 6.38 -4.31 10.66
N GLY B 57 7.54 -3.86 11.14
CA GLY B 57 8.44 -3.05 10.34
C GLY B 57 8.27 -1.55 10.52
N VAL B 58 7.19 -1.11 11.12
CA VAL B 58 6.96 0.34 11.29
C VAL B 58 7.92 0.89 12.33
N PRO B 59 8.59 2.01 12.08
CA PRO B 59 9.53 2.56 13.07
C PRO B 59 8.82 2.92 14.37
N SER B 60 9.61 2.97 15.44
CA SER B 60 9.06 3.22 16.78
C SER B 60 8.53 4.64 16.93
N ARG B 61 8.88 5.55 16.02
CA ARG B 61 8.40 6.92 16.15
C ARG B 61 6.91 7.04 15.80
N PHE B 62 6.34 6.04 15.16
CA PHE B 62 4.91 6.01 14.89
C PHE B 62 4.18 5.36 16.06
N SER B 63 3.15 6.04 16.58
CA SER B 63 2.39 5.52 17.71
C SER B 63 0.97 6.05 17.64
N GLY B 64 0.00 5.14 17.59
CA GLY B 64 -1.39 5.50 17.63
C GLY B 64 -1.99 5.27 19.00
N SER B 65 -3.15 5.88 19.23
CA SER B 65 -3.81 5.77 20.53
C SER B 65 -5.28 6.15 20.37
N GLY B 66 -6.08 5.74 21.34
CA GLY B 66 -7.49 6.09 21.39
C GLY B 66 -8.38 4.85 21.31
N SER B 67 -9.66 5.10 21.54
CA SER B 67 -10.68 4.07 21.47
C SER B 67 -12.04 4.74 21.34
N GLY B 68 -13.04 3.94 20.98
CA GLY B 68 -14.39 4.45 20.83
C GLY B 68 -14.56 5.34 19.61
N THR B 69 -14.43 6.66 19.80
CA THR B 69 -14.58 7.61 18.70
C THR B 69 -13.43 8.60 18.59
N ASP B 70 -12.53 8.67 19.55
CA ASP B 70 -11.38 9.58 19.50
C ASP B 70 -10.12 8.76 19.26
N PHE B 71 -9.41 9.09 18.17
CA PHE B 71 -8.19 8.38 17.79
C PHE B 71 -7.15 9.40 17.36
N THR B 72 -5.87 9.04 17.57
CA THR B 72 -4.78 9.97 17.28
C THR B 72 -3.55 9.19 16.83
N LEU B 73 -2.91 9.66 15.76
CA LEU B 73 -1.63 9.14 15.30
C LEU B 73 -0.54 10.16 15.62
N THR B 74 0.57 9.68 16.16
CA THR B 74 1.65 10.54 16.62
C THR B 74 2.97 10.11 16.02
N ILE B 75 3.71 11.07 15.45
CA ILE B 75 5.06 10.85 14.96
C ILE B 75 6.00 11.62 15.89
N SER B 76 6.82 10.89 16.64
CA SER B 76 7.64 11.49 17.69
C SER B 76 8.68 12.45 17.12
N SER B 77 9.77 11.92 16.56
CA SER B 77 10.82 12.71 15.95
C SER B 77 10.70 12.57 14.44
N LEU B 78 10.18 13.61 13.79
CA LEU B 78 9.86 13.55 12.37
C LEU B 78 11.14 13.49 11.53
N GLN B 79 11.19 12.52 10.63
CA GLN B 79 12.21 12.40 9.60
C GLN B 79 11.65 12.83 8.26
N PRO B 80 12.49 13.31 7.33
CA PRO B 80 11.98 13.66 6.00
C PRO B 80 11.41 12.47 5.24
N GLU B 81 11.68 11.24 5.70
CA GLU B 81 11.12 10.05 5.08
C GLU B 81 9.62 9.94 5.29
N ASP B 82 9.05 10.68 6.25
CA ASP B 82 7.65 10.55 6.61
C ASP B 82 6.72 11.41 5.78
N PHE B 83 7.20 11.99 4.68
CA PHE B 83 6.34 12.75 3.79
C PHE B 83 5.33 11.80 3.13
N ALA B 84 4.05 11.99 3.43
CA ALA B 84 3.00 11.15 2.90
C ALA B 84 1.65 11.73 3.31
N THR B 85 0.58 11.07 2.86
CA THR B 85 -0.77 11.34 3.30
C THR B 85 -1.21 10.20 4.20
N TYR B 86 -1.75 10.52 5.37
CA TYR B 86 -2.11 9.53 6.38
C TYR B 86 -3.62 9.40 6.45
N TYR B 87 -4.11 8.17 6.34
CA TYR B 87 -5.55 7.92 6.28
C TYR B 87 -6.02 7.16 7.50
N CYS B 88 -7.34 7.21 7.72
CA CYS B 88 -7.99 6.66 8.90
C CYS B 88 -9.14 5.78 8.42
N GLN B 89 -9.16 4.52 8.86
CA GLN B 89 -10.18 3.58 8.45
C GLN B 89 -10.70 2.82 9.66
N GLN B 90 -12.02 2.72 9.77
CA GLN B 90 -12.66 1.88 10.78
C GLN B 90 -13.02 0.54 10.16
N GLY B 91 -12.62 -0.53 10.83
CA GLY B 91 -12.94 -1.88 10.39
C GLY B 91 -14.03 -2.55 11.19
N TYR B 92 -14.79 -1.82 11.98
CA TYR B 92 -15.81 -2.44 12.84
C TYR B 92 -16.98 -2.96 12.01
N ARG B 93 -17.70 -2.06 11.33
CA ARG B 93 -18.87 -2.43 10.58
C ARG B 93 -18.81 -1.84 9.17
N SER B 94 -19.42 -2.56 8.23
CA SER B 94 -19.52 -2.07 6.87
C SER B 94 -20.48 -0.88 6.81
N PRO B 95 -20.17 0.14 6.00
CA PRO B 95 -18.98 0.24 5.15
C PRO B 95 -17.72 0.59 5.93
N TYR B 96 -16.60 -0.02 5.55
CA TYR B 96 -15.31 0.25 6.18
C TYR B 96 -14.82 1.61 5.69
N THR B 97 -15.34 2.64 6.33
CA THR B 97 -15.19 4.01 5.85
C THR B 97 -13.81 4.57 6.16
N PHE B 98 -13.24 5.28 5.19
CA PHE B 98 -11.98 5.99 5.36
C PHE B 98 -12.22 7.41 5.83
N GLY B 99 -11.16 8.02 6.38
CA GLY B 99 -11.15 9.43 6.69
C GLY B 99 -10.76 10.26 5.48
N GLY B 100 -10.78 11.59 5.67
CA GLY B 100 -10.41 12.49 4.60
C GLY B 100 -8.93 12.49 4.25
N GLY B 101 -8.09 12.06 5.18
CA GLY B 101 -6.65 12.05 4.94
C GLY B 101 -5.99 13.34 5.36
N THR B 102 -4.75 13.22 5.83
CA THR B 102 -3.95 14.35 6.27
C THR B 102 -2.65 14.38 5.48
N LYS B 103 -2.44 15.42 4.70
CA LYS B 103 -1.23 15.56 3.90
C LYS B 103 -0.12 16.15 4.75
N LEU B 104 0.93 15.38 4.97
CA LEU B 104 2.06 15.80 5.79
C LEU B 104 3.18 16.34 4.90
N GLU B 105 3.54 17.60 5.10
CA GLU B 105 4.64 18.22 4.38
C GLU B 105 5.79 18.49 5.34
N ILE B 106 7.01 18.50 4.79
CA ILE B 106 8.23 18.68 5.58
C ILE B 106 8.75 20.09 5.33
N LYS B 107 9.15 20.77 6.40
CA LYS B 107 9.72 22.10 6.30
C LYS B 107 11.23 22.02 6.17
N ARG B 108 11.82 23.07 5.63
CA ARG B 108 13.27 23.18 5.50
C ARG B 108 13.62 24.64 5.24
N THR B 109 14.92 24.92 5.26
CA THR B 109 15.39 26.26 4.95
C THR B 109 15.06 26.61 3.52
N VAL B 110 14.74 27.89 3.28
CA VAL B 110 14.39 28.36 1.95
C VAL B 110 15.55 28.08 1.00
N ALA B 111 15.25 27.41 -0.12
CA ALA B 111 16.25 27.01 -1.10
C ALA B 111 15.94 27.69 -2.42
N ALA B 112 16.97 28.27 -3.04
CA ALA B 112 16.80 28.89 -4.35
C ALA B 112 16.79 27.82 -5.43
N PRO B 113 15.93 27.96 -6.44
CA PRO B 113 15.86 26.94 -7.49
C PRO B 113 17.03 27.03 -8.46
N SER B 114 17.43 25.87 -8.97
CA SER B 114 18.44 25.78 -10.00
C SER B 114 17.74 25.80 -11.36
N VAL B 115 17.84 26.91 -12.07
CA VAL B 115 17.02 27.13 -13.27
C VAL B 115 17.85 26.85 -14.51
N PHE B 116 17.29 26.07 -15.43
CA PHE B 116 17.85 25.83 -16.74
C PHE B 116 16.70 25.74 -17.74
N ILE B 117 16.98 26.11 -18.99
CA ILE B 117 15.96 26.12 -20.03
C ILE B 117 16.37 25.19 -21.16
N PHE B 118 15.38 24.51 -21.72
CA PHE B 118 15.57 23.69 -22.89
C PHE B 118 14.80 24.26 -24.07
N PRO B 119 15.43 24.40 -25.23
CA PRO B 119 14.72 24.89 -26.41
C PRO B 119 13.84 23.82 -27.00
N PRO B 120 12.95 24.16 -27.92
CA PRO B 120 12.17 23.14 -28.62
C PRO B 120 13.08 22.20 -29.40
N SER B 121 12.71 20.93 -29.45
CA SER B 121 13.54 19.95 -30.11
C SER B 121 13.42 20.08 -31.63
N ASP B 122 14.38 19.47 -32.33
CA ASP B 122 14.36 19.48 -33.79
C ASP B 122 13.18 18.69 -34.33
N GLU B 123 12.85 17.56 -33.70
CA GLU B 123 11.77 16.72 -34.19
C GLU B 123 10.41 17.37 -33.96
N GLN B 124 10.24 18.05 -32.82
CA GLN B 124 8.97 18.71 -32.54
C GLN B 124 8.74 19.89 -33.47
N LEU B 125 9.78 20.68 -33.73
CA LEU B 125 9.67 21.78 -34.68
C LEU B 125 9.34 21.28 -36.07
N LYS B 126 9.97 20.18 -36.50
CA LYS B 126 9.65 19.57 -37.77
C LYS B 126 8.31 18.83 -37.69
N SER B 127 7.28 19.50 -37.17
CA SER B 127 5.95 18.94 -37.00
C SER B 127 4.92 20.05 -36.77
N GLY B 128 3.96 19.82 -35.87
CA GLY B 128 2.89 20.77 -35.66
C GLY B 128 3.28 22.00 -34.86
N THR B 129 3.75 21.79 -33.63
CA THR B 129 3.98 22.89 -32.70
C THR B 129 5.37 22.86 -32.09
N ALA B 130 5.61 23.75 -31.12
CA ALA B 130 6.88 23.84 -30.43
C ALA B 130 6.62 24.02 -28.93
N SER B 131 7.57 23.57 -28.13
CA SER B 131 7.43 23.64 -26.67
C SER B 131 8.76 24.02 -26.05
N VAL B 132 8.75 25.05 -25.21
CA VAL B 132 9.93 25.49 -24.45
C VAL B 132 9.69 25.13 -22.99
N VAL B 133 10.70 24.54 -22.36
CA VAL B 133 10.56 24.02 -21.00
C VAL B 133 11.52 24.77 -20.09
N CYS B 134 11.01 25.25 -18.95
CA CYS B 134 11.84 25.92 -17.96
C CYS B 134 11.88 25.02 -16.72
N LEU B 135 13.08 24.52 -16.40
CA LEU B 135 13.28 23.59 -15.30
C LEU B 135 13.75 24.35 -14.07
N LEU B 136 13.09 24.10 -12.94
CA LEU B 136 13.45 24.68 -11.65
C LEU B 136 13.61 23.52 -10.68
N ASN B 137 14.85 23.21 -10.30
CA ASN B 137 15.15 22.01 -9.54
C ASN B 137 15.50 22.33 -8.10
N ASN B 138 14.92 21.56 -7.18
CA ASN B 138 15.31 21.55 -5.77
C ASN B 138 15.18 22.93 -5.12
N PHE B 139 13.96 23.34 -4.81
CA PHE B 139 13.71 24.59 -4.13
C PHE B 139 12.64 24.37 -3.07
N TYR B 140 12.59 25.30 -2.12
CA TYR B 140 11.58 25.30 -1.06
C TYR B 140 11.41 26.75 -0.63
N PRO B 141 10.18 27.22 -0.37
CA PRO B 141 8.92 26.46 -0.41
C PRO B 141 8.39 26.20 -1.82
N ARG B 142 7.30 25.44 -1.89
CA ARG B 142 6.74 25.08 -3.20
C ARG B 142 6.20 26.30 -3.93
N GLU B 143 5.87 27.37 -3.21
CA GLU B 143 5.30 28.55 -3.82
C GLU B 143 6.28 29.19 -4.81
N ALA B 144 5.89 29.25 -6.07
CA ALA B 144 6.74 29.83 -7.11
C ALA B 144 5.87 30.21 -8.30
N LYS B 145 6.35 31.17 -9.07
CA LYS B 145 5.66 31.62 -10.27
C LYS B 145 6.67 31.79 -11.40
N VAL B 146 6.24 31.51 -12.62
CA VAL B 146 7.09 31.55 -13.79
C VAL B 146 6.39 32.35 -14.89
N GLN B 147 7.08 33.37 -15.40
CA GLN B 147 6.59 34.16 -16.53
C GLN B 147 7.47 33.91 -17.74
N TRP B 148 6.84 33.94 -18.92
CA TRP B 148 7.53 33.73 -20.19
C TRP B 148 7.56 35.02 -20.99
N LYS B 149 8.71 35.29 -21.61
CA LYS B 149 8.90 36.48 -22.42
C LYS B 149 9.41 36.06 -23.80
N VAL B 150 8.76 36.56 -24.84
CA VAL B 150 9.12 36.26 -26.22
C VAL B 150 9.38 37.59 -26.92
N ASP B 151 10.64 37.86 -27.25
CA ASP B 151 11.07 39.17 -27.74
C ASP B 151 10.64 40.26 -26.77
N ASN B 152 10.85 40.00 -25.47
CA ASN B 152 10.49 40.90 -24.37
C ASN B 152 8.99 41.12 -24.24
N ALA B 153 8.18 40.24 -24.80
CA ALA B 153 6.73 40.33 -24.71
C ALA B 153 6.22 39.25 -23.77
N LEU B 154 5.59 39.66 -22.67
CA LEU B 154 5.06 38.71 -21.70
C LEU B 154 3.88 37.95 -22.30
N GLN B 155 3.85 36.65 -22.04
CA GLN B 155 2.85 35.76 -22.63
C GLN B 155 1.75 35.44 -21.63
N SER B 156 0.67 34.85 -22.15
CA SER B 156 -0.46 34.43 -21.31
C SER B 156 -1.24 33.37 -22.07
N GLY B 157 -1.70 32.36 -21.35
CA GLY B 157 -2.46 31.27 -21.94
C GLY B 157 -1.66 30.33 -22.82
N ASN B 158 -0.34 30.41 -22.78
CA ASN B 158 0.51 29.58 -23.62
C ASN B 158 1.40 28.62 -22.83
N SER B 159 1.27 28.59 -21.50
CA SER B 159 2.15 27.78 -20.67
C SER B 159 1.35 27.07 -19.59
N GLN B 160 1.89 25.94 -19.13
CA GLN B 160 1.33 25.19 -18.02
C GLN B 160 2.46 24.78 -17.08
N GLU B 161 2.14 24.66 -15.80
CA GLU B 161 3.11 24.28 -14.78
C GLU B 161 2.88 22.84 -14.34
N SER B 162 3.98 22.13 -14.07
CA SER B 162 3.95 20.81 -13.48
C SER B 162 4.98 20.77 -12.36
N VAL B 163 4.56 20.32 -11.19
CA VAL B 163 5.41 20.30 -10.00
C VAL B 163 5.50 18.87 -9.49
N THR B 164 6.70 18.47 -9.10
CA THR B 164 6.87 17.18 -8.45
C THR B 164 6.32 17.23 -7.03
N GLU B 165 5.96 16.05 -6.51
CA GLU B 165 5.70 15.96 -5.08
C GLU B 165 6.99 16.18 -4.31
N GLN B 166 6.85 16.45 -3.00
CA GLN B 166 8.01 16.80 -2.20
C GLN B 166 9.03 15.67 -2.19
N ASP B 167 10.24 15.98 -2.66
CA ASP B 167 11.34 15.01 -2.68
C ASP B 167 11.78 14.78 -1.24
N SER B 168 11.40 13.61 -0.70
CA SER B 168 11.70 13.30 0.70
C SER B 168 13.18 13.19 0.99
N LYS B 169 14.04 13.17 -0.04
CA LYS B 169 15.47 13.12 0.20
C LYS B 169 15.98 14.42 0.80
N ASP B 170 15.41 15.56 0.40
CA ASP B 170 15.83 16.85 0.94
C ASP B 170 14.68 17.84 1.10
N SER B 171 13.42 17.38 1.00
CA SER B 171 12.23 18.19 1.27
C SER B 171 12.06 19.31 0.24
N THR B 172 12.59 19.13 -0.96
CA THR B 172 12.52 20.16 -1.99
C THR B 172 11.47 19.81 -3.05
N TYR B 173 11.18 20.78 -3.90
CA TYR B 173 10.25 20.65 -5.01
C TYR B 173 10.96 20.98 -6.31
N SER B 174 10.30 20.65 -7.42
CA SER B 174 10.82 20.95 -8.75
C SER B 174 9.67 21.36 -9.66
N LEU B 175 9.92 22.35 -10.51
CA LEU B 175 8.92 22.89 -11.40
C LEU B 175 9.28 22.63 -12.86
N SER B 176 8.25 22.51 -13.69
CA SER B 176 8.41 22.34 -15.13
C SER B 176 7.35 23.20 -15.83
N SER B 177 7.74 24.41 -16.21
CA SER B 177 6.85 25.33 -16.91
C SER B 177 7.08 25.16 -18.40
N THR B 178 6.07 24.65 -19.11
CA THR B 178 6.17 24.32 -20.53
C THR B 178 5.36 25.32 -21.34
N LEU B 179 6.06 26.08 -22.19
CA LEU B 179 5.44 27.07 -23.06
C LEU B 179 5.23 26.46 -24.45
N THR B 180 3.98 26.40 -24.89
CA THR B 180 3.63 25.77 -26.16
C THR B 180 3.23 26.83 -27.17
N LEU B 181 3.96 26.89 -28.28
CA LEU B 181 3.69 27.79 -29.38
C LEU B 181 3.56 26.99 -30.67
N SER B 182 3.11 27.66 -31.73
CA SER B 182 3.10 27.03 -33.04
C SER B 182 4.48 27.16 -33.70
N LYS B 183 4.69 26.38 -34.75
CA LYS B 183 5.96 26.45 -35.46
C LYS B 183 6.16 27.82 -36.11
N ALA B 184 5.09 28.46 -36.55
CA ALA B 184 5.21 29.81 -37.11
C ALA B 184 5.52 30.83 -36.03
N ASP B 185 5.00 30.64 -34.83
CA ASP B 185 5.29 31.57 -33.74
C ASP B 185 6.74 31.48 -33.30
N TYR B 186 7.30 30.28 -33.29
CA TYR B 186 8.70 30.14 -32.91
C TYR B 186 9.63 30.72 -33.95
N GLU B 187 9.19 30.77 -35.21
CA GLU B 187 10.01 31.35 -36.26
C GLU B 187 9.84 32.86 -36.34
N LYS B 188 8.72 33.38 -35.86
CA LYS B 188 8.46 34.81 -35.97
C LYS B 188 9.24 35.62 -34.94
N HIS B 189 9.82 34.97 -33.94
CA HIS B 189 10.55 35.64 -32.88
C HIS B 189 11.90 34.97 -32.68
N LYS B 190 12.77 35.62 -31.91
CA LYS B 190 14.15 35.19 -31.74
C LYS B 190 14.51 34.88 -30.29
N VAL B 191 14.13 35.72 -29.34
CA VAL B 191 14.55 35.58 -27.95
C VAL B 191 13.43 34.96 -27.14
N TYR B 192 13.79 34.02 -26.26
CA TYR B 192 12.83 33.32 -25.42
C TYR B 192 13.41 33.24 -24.02
N ALA B 193 12.73 33.84 -23.05
CA ALA B 193 13.26 33.96 -21.71
C ALA B 193 12.25 33.44 -20.69
N CYS B 194 12.75 32.87 -19.60
CA CYS B 194 11.94 32.38 -18.49
C CYS B 194 12.26 33.26 -17.28
N GLU B 195 11.21 33.79 -16.66
CA GLU B 195 11.29 34.68 -15.51
C GLU B 195 10.81 33.92 -14.29
N VAL B 196 11.72 33.68 -13.36
CA VAL B 196 11.46 32.87 -12.17
C VAL B 196 11.34 33.82 -10.98
N THR B 197 10.18 33.77 -10.31
CA THR B 197 9.93 34.53 -9.09
C THR B 197 9.78 33.52 -7.95
N HIS B 198 10.75 33.50 -7.05
CA HIS B 198 10.73 32.57 -5.93
C HIS B 198 11.28 33.27 -4.68
N GLN B 199 10.89 32.74 -3.52
CA GLN B 199 11.27 33.34 -2.25
C GLN B 199 12.77 33.27 -2.02
N GLY B 200 13.43 32.24 -2.54
CA GLY B 200 14.86 32.09 -2.35
C GLY B 200 15.73 33.00 -3.16
N LEU B 201 15.15 33.94 -3.90
CA LEU B 201 15.88 34.87 -4.75
C LEU B 201 15.75 36.29 -4.23
N SER B 202 16.82 37.06 -4.38
CA SER B 202 16.77 38.49 -4.09
C SER B 202 16.13 39.30 -5.21
N SER B 203 16.11 38.75 -6.42
CA SER B 203 15.53 39.41 -7.58
C SER B 203 14.99 38.33 -8.51
N PRO B 204 13.93 38.64 -9.28
CA PRO B 204 13.39 37.63 -10.21
C PRO B 204 14.38 37.29 -11.31
N VAL B 205 15.12 36.19 -11.13
CA VAL B 205 16.15 35.79 -12.07
C VAL B 205 15.51 35.33 -13.37
N THR B 206 16.12 35.73 -14.49
CA THR B 206 15.64 35.39 -15.83
C THR B 206 16.72 34.62 -16.56
N LYS B 207 16.34 33.51 -17.20
CA LYS B 207 17.21 32.74 -18.06
C LYS B 207 16.67 32.78 -19.48
N SER B 208 17.54 32.53 -20.45
CA SER B 208 17.11 32.63 -21.85
C SER B 208 18.12 31.96 -22.77
N PHE B 209 17.62 31.35 -23.83
CA PHE B 209 18.41 30.91 -24.96
C PHE B 209 17.81 31.52 -26.23
N ASN B 210 18.63 31.65 -27.26
CA ASN B 210 18.19 32.23 -28.53
C ASN B 210 17.81 31.14 -29.53
N ARG B 211 17.28 31.58 -30.67
CA ARG B 211 16.83 30.63 -31.69
C ARG B 211 18.01 29.92 -32.33
N GLY B 212 19.12 30.61 -32.52
CA GLY B 212 20.29 30.01 -33.14
C GLY B 212 21.37 29.67 -32.15
N GLU B 213 21.21 28.57 -31.42
CA GLU B 213 22.19 28.13 -30.44
C GLU B 213 22.46 26.64 -30.56
N LEU C 20 -16.86 -0.14 28.84
CA LEU C 20 -17.32 -0.67 27.56
C LEU C 20 -18.84 -0.79 27.54
N THR C 21 -19.40 -0.98 26.35
CA THR C 21 -20.83 -1.08 26.15
C THR C 21 -21.21 -2.53 25.82
N SER C 22 -22.46 -2.71 25.39
CA SER C 22 -22.95 -4.06 25.13
C SER C 22 -22.28 -4.68 23.92
N SER C 23 -22.25 -3.96 22.79
CA SER C 23 -21.63 -4.49 21.58
C SER C 23 -20.12 -4.59 21.71
N GLU C 24 -19.50 -3.80 22.60
CA GLU C 24 -18.06 -3.86 22.76
C GLU C 24 -17.64 -5.06 23.60
N ARG C 25 -18.40 -5.38 24.65
CA ARG C 25 -18.11 -6.57 25.43
C ARG C 25 -18.32 -7.84 24.60
N ILE C 26 -19.30 -7.83 23.70
CA ILE C 26 -19.47 -8.97 22.79
C ILE C 26 -18.26 -9.11 21.88
N ASP C 27 -17.77 -7.98 21.36
CA ASP C 27 -16.67 -8.03 20.39
C ASP C 27 -15.38 -8.52 21.05
N LYS C 28 -15.06 -7.98 22.22
CA LYS C 28 -13.81 -8.37 22.88
C LYS C 28 -13.88 -9.78 23.47
N GLN C 29 -15.07 -10.24 23.85
CA GLN C 29 -15.21 -11.60 24.34
C GLN C 29 -15.05 -12.61 23.21
N ILE C 30 -15.59 -12.31 22.04
CA ILE C 30 -15.41 -13.18 20.88
C ILE C 30 -13.96 -13.13 20.40
N ARG C 31 -13.36 -11.93 20.40
CA ARG C 31 -11.95 -11.80 20.02
C ARG C 31 -11.06 -12.63 20.93
N TYR C 32 -11.43 -12.76 22.21
CA TYR C 32 -10.66 -13.58 23.13
C TYR C 32 -10.79 -15.06 22.78
N ILE C 33 -12.01 -15.50 22.45
CA ILE C 33 -12.22 -16.91 22.11
C ILE C 33 -11.53 -17.26 20.80
N LEU C 34 -11.60 -16.37 19.81
CA LEU C 34 -11.01 -16.64 18.50
C LEU C 34 -9.50 -16.75 18.60
N ASP C 35 -8.87 -15.94 19.46
CA ASP C 35 -7.42 -16.03 19.63
C ASP C 35 -7.02 -17.36 20.24
N GLY C 36 -7.81 -17.87 21.20
CA GLY C 36 -7.49 -19.14 21.81
C GLY C 36 -7.63 -20.33 20.89
N ILE C 37 -8.57 -20.26 19.94
CA ILE C 37 -8.75 -21.33 18.98
C ILE C 37 -7.53 -21.43 18.06
N SER C 38 -7.04 -20.28 17.59
CA SER C 38 -5.84 -20.28 16.75
C SER C 38 -4.62 -20.78 17.50
N ALA C 39 -4.59 -20.59 18.83
CA ALA C 39 -3.48 -21.11 19.62
C ALA C 39 -3.51 -22.62 19.70
N LEU C 40 -4.68 -23.24 19.56
CA LEU C 40 -4.79 -24.69 19.61
C LEU C 40 -4.48 -25.33 18.27
N ARG C 41 -4.77 -24.65 17.16
CA ARG C 41 -4.60 -25.21 15.84
C ARG C 41 -3.17 -25.18 15.33
N LYS C 42 -2.27 -24.53 16.06
CA LYS C 42 -0.86 -24.44 15.68
C LYS C 42 -0.68 -23.84 14.28
N GLU C 60 -13.58 -42.04 6.89
CA GLU C 60 -13.99 -40.65 7.07
C GLU C 60 -15.17 -40.55 8.02
N ASN C 61 -15.41 -39.34 8.54
CA ASN C 61 -16.47 -39.09 9.51
C ASN C 61 -17.40 -38.02 8.97
N ASN C 62 -18.71 -38.29 9.04
CA ASN C 62 -19.75 -37.37 8.57
C ASN C 62 -20.43 -36.78 9.79
N LEU C 63 -19.83 -35.74 10.35
CA LEU C 63 -20.29 -35.11 11.57
C LEU C 63 -21.06 -33.83 11.25
N ASN C 64 -22.13 -33.58 12.02
CA ASN C 64 -22.98 -32.42 11.84
C ASN C 64 -22.56 -31.34 12.84
N LEU C 65 -21.82 -30.34 12.35
CA LEU C 65 -21.42 -29.20 13.15
C LEU C 65 -22.15 -27.95 12.67
N PRO C 66 -22.55 -27.06 13.59
CA PRO C 66 -23.35 -25.89 13.19
C PRO C 66 -22.59 -24.99 12.23
N LYS C 67 -23.27 -24.60 11.16
CA LYS C 67 -22.74 -23.68 10.16
C LYS C 67 -23.72 -22.54 9.95
N MET C 68 -23.26 -21.48 9.30
CA MET C 68 -24.07 -20.31 9.05
C MET C 68 -24.61 -20.36 7.62
N ALA C 69 -25.93 -20.33 7.49
CA ALA C 69 -26.59 -20.43 6.19
C ALA C 69 -27.24 -19.10 5.83
N GLU C 70 -27.66 -19.00 4.57
CA GLU C 70 -28.24 -17.75 4.08
C GLU C 70 -29.60 -17.46 4.75
N LYS C 71 -30.41 -18.49 4.94
CA LYS C 71 -31.72 -18.29 5.56
C LYS C 71 -31.64 -17.98 7.05
N ASP C 72 -30.46 -18.15 7.66
CA ASP C 72 -30.31 -17.85 9.08
C ASP C 72 -30.32 -16.36 9.38
N GLY C 73 -30.21 -15.51 8.35
CA GLY C 73 -30.34 -14.08 8.53
C GLY C 73 -29.07 -13.36 8.95
N CYS C 74 -27.92 -14.02 8.93
CA CYS C 74 -26.65 -13.39 9.29
C CYS C 74 -25.88 -12.89 8.08
N PHE C 75 -26.49 -12.90 6.90
CA PHE C 75 -25.88 -12.42 5.67
C PHE C 75 -26.55 -11.14 5.21
N GLN C 76 -25.88 -10.43 4.30
CA GLN C 76 -26.50 -9.25 3.69
C GLN C 76 -27.70 -9.64 2.83
N SER C 77 -27.65 -10.81 2.19
CA SER C 77 -28.79 -11.33 1.46
C SER C 77 -29.88 -11.74 2.43
N GLY C 78 -30.54 -10.76 3.05
CA GLY C 78 -31.50 -11.04 4.09
C GLY C 78 -30.90 -10.96 5.47
N PHE C 79 -30.71 -9.74 5.97
CA PHE C 79 -30.10 -9.51 7.28
C PHE C 79 -31.20 -9.24 8.30
N ASN C 80 -31.33 -10.12 9.27
CA ASN C 80 -32.35 -10.02 10.31
C ASN C 80 -31.64 -9.96 11.66
N GLU C 81 -31.82 -8.84 12.38
CA GLU C 81 -31.11 -8.62 13.63
C GLU C 81 -31.55 -9.61 14.72
N GLU C 82 -32.73 -10.20 14.61
CA GLU C 82 -33.23 -11.15 15.59
C GLU C 82 -33.10 -12.60 15.14
N THR C 83 -33.39 -12.89 13.87
CA THR C 83 -33.25 -14.26 13.37
C THR C 83 -31.79 -14.71 13.44
N CYS C 84 -30.85 -13.79 13.18
CA CYS C 84 -29.44 -14.14 13.27
C CYS C 84 -29.04 -14.43 14.71
N LEU C 85 -29.50 -13.60 15.65
CA LEU C 85 -29.14 -13.81 17.05
C LEU C 85 -29.71 -15.11 17.61
N VAL C 86 -30.87 -15.54 17.09
CA VAL C 86 -31.41 -16.83 17.50
C VAL C 86 -30.52 -17.96 17.02
N LYS C 87 -30.01 -17.85 15.79
CA LYS C 87 -29.12 -18.88 15.26
C LYS C 87 -27.76 -18.87 15.97
N ILE C 88 -27.29 -17.69 16.37
CA ILE C 88 -26.00 -17.61 17.05
C ILE C 88 -26.06 -18.32 18.39
N ILE C 89 -27.03 -17.97 19.23
CA ILE C 89 -27.16 -18.58 20.55
C ILE C 89 -27.42 -20.06 20.43
N THR C 90 -28.20 -20.47 19.44
CA THR C 90 -28.47 -21.89 19.24
C THR C 90 -27.23 -22.64 18.80
N GLY C 91 -26.49 -22.09 17.82
CA GLY C 91 -25.32 -22.77 17.32
C GLY C 91 -24.21 -22.91 18.36
N LEU C 92 -24.02 -21.86 19.18
CA LEU C 92 -23.00 -21.93 20.22
C LEU C 92 -23.35 -22.94 21.29
N LEU C 93 -24.62 -23.02 21.68
CA LEU C 93 -25.05 -24.02 22.64
C LEU C 93 -24.90 -25.43 22.08
N GLU C 94 -25.21 -25.61 20.78
CA GLU C 94 -24.98 -26.90 20.14
C GLU C 94 -23.49 -27.13 19.89
N PHE C 95 -22.67 -26.08 19.93
CA PHE C 95 -21.22 -26.26 19.86
C PHE C 95 -20.64 -26.59 21.23
N GLU C 96 -21.31 -26.17 22.31
CA GLU C 96 -20.80 -26.38 23.66
C GLU C 96 -20.57 -27.84 23.98
N VAL C 97 -21.23 -28.75 23.26
CA VAL C 97 -20.99 -30.18 23.45
C VAL C 97 -19.59 -30.55 22.97
N TYR C 98 -19.23 -30.09 21.77
CA TYR C 98 -17.94 -30.44 21.19
C TYR C 98 -16.79 -29.72 21.86
N LEU C 99 -17.06 -28.65 22.61
CA LEU C 99 -16.00 -28.00 23.37
C LEU C 99 -15.57 -28.86 24.55
N GLU C 100 -16.52 -29.56 25.18
CA GLU C 100 -16.16 -30.51 26.24
C GLU C 100 -15.34 -31.67 25.68
N TYR C 101 -15.59 -32.05 24.43
CA TYR C 101 -14.80 -33.11 23.80
C TYR C 101 -13.35 -32.66 23.62
N LEU C 102 -13.14 -31.40 23.23
CA LEU C 102 -11.78 -30.90 23.02
C LEU C 102 -11.00 -30.88 24.33
N GLN C 103 -11.64 -30.48 25.42
CA GLN C 103 -10.96 -30.46 26.71
C GLN C 103 -10.56 -31.87 27.14
N ASN C 104 -11.37 -32.88 26.78
CA ASN C 104 -11.00 -34.26 27.08
C ASN C 104 -9.83 -34.73 26.23
N ARG C 105 -9.74 -34.24 24.99
CA ARG C 105 -8.63 -34.63 24.12
C ARG C 105 -7.32 -34.01 24.59
N PHE C 106 -7.34 -32.71 24.91
CA PHE C 106 -6.12 -32.05 25.36
C PHE C 106 -5.72 -32.49 26.77
N GLU C 107 -6.69 -32.88 27.59
CA GLU C 107 -6.33 -33.47 28.89
C GLU C 107 -5.71 -34.84 28.70
N SER C 108 -6.20 -35.61 27.74
CA SER C 108 -5.59 -36.90 27.44
C SER C 108 -4.14 -36.74 27.00
N SER C 109 -3.85 -35.70 26.22
CA SER C 109 -2.47 -35.44 25.82
C SER C 109 -1.63 -34.97 27.00
N GLU C 110 -2.22 -34.23 27.93
CA GLU C 110 -1.50 -33.83 29.14
C GLU C 110 -1.20 -35.04 30.01
N GLU C 111 -2.18 -35.94 30.17
CA GLU C 111 -1.92 -37.19 30.87
C GLU C 111 -0.97 -38.08 30.10
N GLN C 112 -0.97 -37.98 28.77
CA GLN C 112 -0.05 -38.78 27.95
C GLN C 112 1.38 -38.31 28.14
N ALA C 113 1.61 -36.99 28.10
CA ALA C 113 2.96 -36.46 28.25
C ALA C 113 3.51 -36.71 29.65
N ARG C 114 2.65 -36.64 30.67
CA ARG C 114 3.10 -36.91 32.03
C ARG C 114 3.43 -38.39 32.22
N ALA C 115 2.81 -39.27 31.44
CA ALA C 115 3.12 -40.69 31.53
C ALA C 115 4.48 -41.00 30.93
N VAL C 116 4.79 -40.40 29.77
CA VAL C 116 6.11 -40.57 29.17
C VAL C 116 7.19 -40.01 30.10
N GLN C 117 6.87 -38.92 30.79
CA GLN C 117 7.82 -38.32 31.71
C GLN C 117 8.17 -39.27 32.85
N MET C 118 7.16 -39.94 33.42
CA MET C 118 7.41 -40.84 34.54
C MET C 118 7.91 -42.20 34.07
N SER C 119 7.48 -42.67 32.90
CA SER C 119 7.97 -43.94 32.40
C SER C 119 9.45 -43.88 32.07
N THR C 120 9.95 -42.73 31.63
CA THR C 120 11.37 -42.56 31.40
C THR C 120 12.15 -42.62 32.72
N LYS C 121 11.57 -42.04 33.77
CA LYS C 121 12.23 -42.06 35.08
C LYS C 121 12.41 -43.48 35.58
N VAL C 122 11.43 -44.35 35.34
CA VAL C 122 11.56 -45.76 35.70
C VAL C 122 12.59 -46.43 34.80
N LEU C 123 12.64 -46.04 33.52
CA LEU C 123 13.62 -46.60 32.61
C LEU C 123 15.04 -46.29 33.05
N ILE C 124 15.26 -45.16 33.71
CA ILE C 124 16.57 -44.86 34.28
C ILE C 124 16.91 -45.84 35.37
N GLN C 125 15.97 -46.08 36.30
CA GLN C 125 16.23 -47.00 37.40
C GLN C 125 16.45 -48.42 36.90
N PHE C 126 15.73 -48.82 35.85
CA PHE C 126 15.92 -50.13 35.26
C PHE C 126 17.33 -50.29 34.71
N LEU C 127 17.81 -49.29 33.97
CA LEU C 127 19.10 -49.40 33.30
C LEU C 127 20.26 -49.35 34.31
N GLN C 128 20.20 -48.41 35.26
CA GLN C 128 21.27 -48.31 36.25
C GLN C 128 21.32 -49.56 37.13
N LYS C 129 20.16 -50.17 37.42
CA LYS C 129 20.14 -51.40 38.20
C LYS C 129 20.77 -52.55 37.42
N LYS C 130 20.54 -52.60 36.11
CA LYS C 130 21.17 -53.64 35.29
C LYS C 130 22.66 -53.39 35.12
N ALA C 131 23.08 -52.13 35.16
CA ALA C 131 24.50 -51.78 35.04
C ALA C 131 25.26 -52.26 36.28
N LYS C 132 25.05 -51.56 37.41
CA LYS C 132 25.67 -51.90 38.68
C LYS C 132 27.20 -51.92 38.57
N ASN C 133 27.74 -50.98 37.81
CA ASN C 133 29.19 -50.87 37.63
C ASN C 133 29.58 -49.47 37.19
N ASP C 135 30.04 -45.92 39.49
CA ASP C 135 29.25 -45.44 38.36
C ASP C 135 29.83 -44.18 37.74
N ALA C 136 30.25 -44.27 36.48
CA ALA C 136 30.68 -43.09 35.72
C ALA C 136 29.47 -42.49 35.03
N ILE C 137 28.57 -41.96 35.86
CA ILE C 137 27.26 -41.49 35.42
C ILE C 137 27.20 -39.97 35.60
N THR C 138 26.71 -39.28 34.57
CA THR C 138 26.51 -37.84 34.61
C THR C 138 25.05 -37.53 34.91
N THR C 139 24.82 -36.66 35.89
CA THR C 139 23.50 -36.20 36.24
C THR C 139 23.40 -34.70 36.00
N PRO C 140 22.40 -34.22 35.27
CA PRO C 140 22.34 -32.80 34.91
C PRO C 140 22.14 -31.91 36.12
N ASP C 141 22.55 -30.65 35.95
CA ASP C 141 22.42 -29.66 37.01
C ASP C 141 20.98 -29.19 37.12
N PRO C 142 20.37 -29.23 38.29
CA PRO C 142 18.97 -28.80 38.41
C PRO C 142 18.74 -27.34 38.08
N THR C 143 19.70 -26.46 38.39
CA THR C 143 19.53 -25.05 38.10
C THR C 143 19.86 -24.73 36.64
N THR C 144 20.70 -25.53 36.00
CA THR C 144 20.91 -25.38 34.57
C THR C 144 19.64 -25.71 33.79
N ASN C 145 18.90 -26.72 34.27
CA ASN C 145 17.63 -27.06 33.65
C ASN C 145 16.61 -25.95 33.84
N ALA C 146 16.63 -25.29 35.00
CA ALA C 146 15.69 -24.20 35.25
C ALA C 146 15.96 -23.02 34.32
N SER C 147 17.23 -22.73 34.04
CA SER C 147 17.56 -21.66 33.11
C SER C 147 17.14 -22.00 31.69
N LEU C 148 17.21 -23.28 31.32
CA LEU C 148 16.82 -23.69 29.96
C LEU C 148 15.31 -23.66 29.79
N LEU C 149 14.56 -24.13 30.78
CA LEU C 149 13.11 -24.15 30.68
C LEU C 149 12.54 -22.74 30.52
N THR C 150 13.16 -21.76 31.18
CA THR C 150 12.74 -20.37 31.01
C THR C 150 13.02 -19.88 29.59
N LYS C 151 14.16 -20.29 29.02
CA LYS C 151 14.49 -19.87 27.66
C LYS C 151 13.66 -20.61 26.62
N LEU C 152 13.39 -21.90 26.84
CA LEU C 152 12.59 -22.66 25.90
C LEU C 152 11.18 -22.10 25.79
N GLN C 153 10.63 -21.63 26.89
CA GLN C 153 9.27 -21.08 26.91
C GLN C 153 9.22 -19.58 26.65
N ALA C 154 10.37 -18.91 26.59
CA ALA C 154 10.39 -17.47 26.33
C ALA C 154 10.12 -17.15 24.87
N GLN C 155 10.53 -18.02 23.95
CA GLN C 155 10.32 -17.78 22.54
C GLN C 155 8.82 -17.87 22.21
N ASN C 156 8.48 -17.42 21.01
CA ASN C 156 7.07 -17.30 20.62
C ASN C 156 6.46 -18.68 20.39
N GLN C 157 5.20 -18.68 19.94
CA GLN C 157 4.44 -19.93 19.84
C GLN C 157 4.84 -20.77 18.64
N TRP C 158 5.22 -20.14 17.52
CA TRP C 158 5.67 -20.92 16.37
C TRP C 158 6.97 -21.65 16.68
N LEU C 159 7.87 -21.01 17.44
CA LEU C 159 9.11 -21.66 17.83
C LEU C 159 8.87 -22.75 18.87
N GLN C 160 7.89 -22.56 19.76
CA GLN C 160 7.61 -23.55 20.79
C GLN C 160 6.85 -24.75 20.23
N ASP C 161 5.90 -24.50 19.30
CA ASP C 161 5.29 -25.62 18.59
C ASP C 161 6.32 -26.37 17.77
N MET C 162 7.30 -25.65 17.22
CA MET C 162 8.39 -26.31 16.50
C MET C 162 9.30 -27.05 17.47
N THR C 163 9.58 -26.46 18.62
CA THR C 163 10.42 -27.13 19.61
C THR C 163 9.75 -28.39 20.14
N THR C 164 8.46 -28.31 20.45
CA THR C 164 7.71 -29.51 20.81
C THR C 164 7.77 -30.56 19.70
N HIS C 165 7.71 -30.12 18.45
CA HIS C 165 7.80 -31.05 17.32
C HIS C 165 9.16 -31.72 17.26
N LEU C 166 10.23 -30.98 17.56
CA LEU C 166 11.58 -31.51 17.42
C LEU C 166 11.96 -32.41 18.59
N ILE C 167 11.50 -32.08 19.80
CA ILE C 167 11.85 -32.87 20.98
C ILE C 167 11.27 -34.28 20.86
N LEU C 168 10.06 -34.39 20.32
CA LEU C 168 9.41 -35.69 20.19
C LEU C 168 10.17 -36.59 19.22
N ARG C 169 10.63 -36.04 18.10
CA ARG C 169 11.32 -36.85 17.10
C ARG C 169 12.70 -37.29 17.60
N SER C 170 13.43 -36.39 18.26
CA SER C 170 14.77 -36.72 18.73
C SER C 170 14.73 -37.77 19.83
N PHE C 171 13.71 -37.75 20.68
CA PHE C 171 13.65 -38.70 21.78
C PHE C 171 13.21 -40.08 21.32
N LYS C 172 12.25 -40.15 20.39
CA LYS C 172 11.85 -41.45 19.86
C LYS C 172 12.98 -42.09 19.05
N GLU C 173 13.68 -41.28 18.24
CA GLU C 173 14.81 -41.80 17.48
C GLU C 173 15.94 -42.24 18.41
N PHE C 174 16.13 -41.54 19.53
CA PHE C 174 17.15 -41.93 20.49
C PHE C 174 16.80 -43.26 21.15
N LEU C 175 15.52 -43.47 21.49
CA LEU C 175 15.11 -44.71 22.12
C LEU C 175 15.21 -45.88 21.15
N GLN C 176 14.82 -45.68 19.89
CA GLN C 176 14.89 -46.75 18.90
C GLN C 176 16.34 -47.17 18.66
N SER C 177 17.27 -46.21 18.65
CA SER C 177 18.68 -46.56 18.54
C SER C 177 19.17 -47.26 19.79
N SER C 178 18.68 -46.85 20.96
CA SER C 178 19.10 -47.48 22.21
C SER C 178 18.53 -48.88 22.34
N LEU C 179 17.22 -49.03 22.07
CA LEU C 179 16.58 -50.33 22.20
C LEU C 179 17.21 -51.36 21.27
N ARG C 180 17.61 -50.94 20.07
CA ARG C 180 18.25 -51.86 19.12
C ARG C 180 19.55 -52.41 19.70
N ALA C 181 20.38 -51.53 20.27
CA ALA C 181 21.61 -51.98 20.91
C ALA C 181 21.32 -52.75 22.20
N LEU C 182 20.23 -52.41 22.89
CA LEU C 182 19.89 -53.12 24.11
C LEU C 182 19.40 -54.54 23.83
N ARG C 183 18.71 -54.75 22.71
CA ARG C 183 18.26 -56.09 22.36
C ARG C 183 19.42 -56.99 21.95
N GLN C 184 20.55 -56.43 21.52
CA GLN C 184 21.73 -57.21 21.16
C GLN C 184 22.53 -57.66 22.38
N MET C 185 21.86 -57.95 23.49
CA MET C 185 22.55 -58.34 24.71
C MET C 185 21.87 -59.54 25.36
MG MG D . -6.16 -34.03 34.88
#